data_5A0B
#
_entry.id   5A0B
#
_cell.length_a   77.459
_cell.length_b   77.459
_cell.length_c   149.625
_cell.angle_alpha   90.00
_cell.angle_beta   90.00
_cell.angle_gamma   120.00
#
_symmetry.space_group_name_H-M   'P 63 2 2'
#
loop_
_entity.id
_entity.type
_entity.pdbx_description
1 polymer 'NEUTROPHIL ELASTASE'
2 branched alpha-L-fucopyranose-(1-6)-2-acetamido-2-deoxy-beta-D-glucopyranose
3 non-polymer 2-acetamido-2-deoxy-beta-D-glucopyranose
4 non-polymer (4R)-4-(4-cyanophenyl)-6-methyl-2-oxidanylidene-3-[2-oxidanylidene-2-(4-propan-2-ylpiperazin-1-yl)ethyl]-1-[3-(trifluoromethyl)phenyl]-4H-pyrimidine-5-carbonitrile
5 non-polymer 'DIMETHYL SULFOXIDE'
6 water water
#
_entity_poly.entity_id   1
_entity_poly.type   'polypeptide(L)'
_entity_poly.pdbx_seq_one_letter_code
;IVGGRRARPHAWPFMVSLQLRGGHFCGATLIAPNFVMSAAHCVANVNVRAVRVVLGAHNLSRREPTRQVFAVQRIFENGY
DPVNLLNDIVILQLNGSATINANVQVAQLPAQGRRLGNGVQCLAMGWGLLGRNRGIASVLQELNVTVVTSLCRRSNVCTL
VRGRQAGVCFGDSGSPLVCNGLIHGIASFVRGGCASGLYPDAFAPVAQFVNWIDSIIQ
;
_entity_poly.pdbx_strand_id   A
#
# COMPACT_ATOMS: atom_id res chain seq x y z
N ILE A 1 -9.71 2.91 5.12
CA ILE A 1 -9.41 2.34 6.49
C ILE A 1 -10.63 2.52 7.40
N VAL A 2 -11.19 1.39 7.82
CA VAL A 2 -12.33 1.37 8.73
C VAL A 2 -11.87 1.20 10.17
N GLY A 3 -12.17 2.19 11.04
CA GLY A 3 -11.94 2.09 12.48
C GLY A 3 -10.53 2.50 12.90
N GLY A 4 -9.86 3.33 12.09
CA GLY A 4 -8.52 3.75 12.43
C GLY A 4 -8.50 5.15 12.96
N ARG A 5 -7.39 5.83 12.72
CA ARG A 5 -7.25 7.22 13.17
C ARG A 5 -6.47 7.98 12.11
N ARG A 6 -6.61 9.31 12.14
CA ARG A 6 -5.72 10.22 11.37
C ARG A 6 -4.23 9.96 11.65
N ALA A 7 -3.44 9.86 10.59
CA ALA A 7 -2.00 9.85 10.74
C ALA A 7 -1.64 11.26 11.10
N ARG A 8 -0.54 11.42 11.82
CA ARG A 8 0.08 12.76 11.96
C ARG A 8 0.53 13.30 10.51
N PRO A 9 0.44 14.64 10.24
CA PRO A 9 0.76 15.02 8.86
C PRO A 9 2.19 14.58 8.50
N HIS A 10 2.35 13.94 7.33
CA HIS A 10 3.68 13.47 6.88
C HIS A 10 4.45 12.49 7.79
N ALA A 11 3.72 11.77 8.66
CA ALA A 11 4.29 10.72 9.51
C ALA A 11 4.94 9.59 8.69
N TRP A 12 4.36 9.32 7.50
CA TRP A 12 4.75 8.22 6.62
C TRP A 12 5.12 8.78 5.25
N PRO A 13 6.32 9.39 5.13
CA PRO A 13 6.62 10.13 3.86
C PRO A 13 6.86 9.27 2.58
N PHE A 14 6.80 7.93 2.72
CA PHE A 14 6.82 6.96 1.59
C PHE A 14 5.41 6.68 1.07
N MET A 15 4.40 7.25 1.74
CA MET A 15 3.01 6.93 1.41
C MET A 15 2.59 7.73 0.20
N VAL A 16 2.06 7.02 -0.78
CA VAL A 16 1.69 7.54 -2.09
C VAL A 16 0.20 7.32 -2.43
N SER A 17 -0.39 8.30 -3.13
CA SER A 17 -1.76 8.22 -3.60
C SER A 17 -1.76 8.10 -5.12
N LEU A 18 -2.30 7.03 -5.69
CA LEU A 18 -2.45 6.91 -7.14
C LEU A 18 -3.79 7.51 -7.52
N GLN A 19 -3.81 8.42 -8.51
CA GLN A 19 -5.06 9.14 -8.88
C GLN A 19 -5.36 9.04 -10.35
N LEU A 20 -6.66 9.10 -10.65
CA LEU A 20 -7.21 9.07 -11.99
C LEU A 20 -8.39 10.03 -12.04
N ARG A 21 -8.48 10.83 -13.11
CA ARG A 21 -9.70 11.65 -13.39
C ARG A 21 -10.02 12.63 -12.26
N GLY A 22 -8.76 13.11 -11.07
CA GLY A 22 -8.65 14.00 -9.88
C GLY A 22 -9.02 13.26 -8.62
N GLY A 23 -9.14 11.93 -8.71
CA GLY A 23 -9.47 11.12 -7.55
C GLY A 23 -8.53 9.98 -7.19
N HIS A 24 -8.29 9.85 -5.87
CA HIS A 24 -7.52 8.74 -5.34
C HIS A 24 -8.22 7.43 -5.71
N PHE A 25 -7.50 6.44 -6.24
CA PHE A 25 -8.13 5.09 -6.41
C PHE A 25 -7.38 3.95 -5.71
N CYS A 26 -6.07 4.12 -5.48
CA CYS A 26 -5.23 3.11 -4.77
C CYS A 26 -4.07 3.76 -4.05
N GLY A 27 -3.52 3.08 -3.05
CA GLY A 27 -2.29 3.46 -2.38
C GLY A 27 -1.07 2.95 -3.10
N ALA A 28 0.12 3.43 -2.70
CA ALA A 28 1.36 2.86 -3.17
C ALA A 28 2.46 3.30 -2.20
N THR A 29 3.67 2.82 -2.45
CA THR A 29 4.82 3.04 -1.57
C THR A 29 5.99 3.47 -2.45
N LEU A 30 6.63 4.56 -2.07
CA LEU A 30 7.80 5.00 -2.80
C LEU A 30 8.95 4.12 -2.37
N ILE A 31 9.54 3.42 -3.33
CA ILE A 31 10.61 2.48 -3.03
C ILE A 31 11.97 2.88 -3.63
N ALA A 32 12.01 3.93 -4.44
CA ALA A 32 13.24 4.56 -4.92
C ALA A 32 12.73 5.92 -5.35
N PRO A 33 13.62 6.89 -5.59
CA PRO A 33 13.15 8.26 -6.00
C PRO A 33 12.25 8.22 -7.24
N ASN A 34 12.44 7.19 -8.09
CA ASN A 34 11.70 7.06 -9.36
C ASN A 34 10.89 5.75 -9.56
N PHE A 35 10.58 5.07 -8.45
CA PHE A 35 9.73 3.85 -8.54
C PHE A 35 8.77 3.80 -7.37
N VAL A 36 7.49 3.50 -7.64
CA VAL A 36 6.57 3.20 -6.56
C VAL A 36 6.14 1.75 -6.72
N MET A 37 5.71 1.15 -5.59
CA MET A 37 5.06 -0.13 -5.68
C MET A 37 3.66 -0.15 -5.15
N SER A 38 2.89 -1.00 -5.78
CA SER A 38 1.46 -1.04 -5.51
C SER A 38 0.96 -2.47 -5.75
N ALA A 39 -0.38 -2.63 -5.83
CA ALA A 39 -1.02 -3.90 -6.14
C ALA A 39 -1.27 -3.92 -7.65
N ALA A 40 -0.91 -5.02 -8.31
CA ALA A 40 -1.21 -5.22 -9.74
C ALA A 40 -2.69 -5.03 -10.00
N HIS A 41 -3.55 -5.47 -9.08
CA HIS A 41 -4.98 -5.39 -9.35
C HIS A 41 -5.45 -3.96 -9.51
N CYS A 42 -4.74 -3.00 -8.91
CA CYS A 42 -5.10 -1.56 -9.00
C CYS A 42 -4.93 -1.01 -10.40
N VAL A 43 -3.95 -1.53 -11.15
CA VAL A 43 -3.64 -0.94 -12.47
C VAL A 43 -4.09 -1.86 -13.61
N ALA A 44 -4.61 -3.06 -13.29
CA ALA A 44 -5.18 -3.90 -14.30
C ALA A 44 -6.41 -3.08 -14.70
N ASN A 45 -6.75 -3.04 -15.95
CA ASN A 45 -7.92 -2.23 -16.35
C ASN A 45 -7.96 -0.70 -16.15
N VAL A 46 -6.80 -0.07 -16.21
CA VAL A 46 -6.73 1.37 -16.11
C VAL A 46 -5.80 1.79 -17.24
N ASN A 47 -5.95 3.00 -17.76
CA ASN A 47 -4.96 3.56 -18.70
C ASN A 47 -3.75 4.12 -17.90
N VAL A 48 -2.61 3.40 -17.87
CA VAL A 48 -1.53 3.78 -16.95
C VAL A 48 -0.86 5.13 -17.34
N ARG A 49 -0.98 5.50 -18.62
CA ARG A 49 -0.47 6.78 -19.13
C ARG A 49 -1.32 7.91 -18.55
N ALA A 50 -2.42 7.59 -17.86
CA ALA A 50 -3.23 8.63 -17.27
C ALA A 50 -3.08 8.71 -15.72
N VAL A 51 -2.44 7.70 -15.12
CA VAL A 51 -2.37 7.63 -13.64
C VAL A 51 -1.45 8.74 -13.14
N ARG A 52 -1.94 9.52 -12.18
CA ARG A 52 -1.10 10.51 -11.55
C ARG A 52 -0.58 9.97 -10.20
N VAL A 53 0.75 10.03 -10.01
CA VAL A 53 1.41 9.46 -8.82
C VAL A 53 1.67 10.61 -7.84
N VAL A 54 0.93 10.65 -6.74
CA VAL A 54 1.02 11.79 -5.81
C VAL A 54 1.81 11.51 -4.54
N LEU A 55 2.96 12.17 -4.44
CA LEU A 55 3.84 12.06 -3.29
C LEU A 55 3.67 13.28 -2.42
N GLY A 56 4.00 13.14 -1.11
CA GLY A 56 4.00 14.23 -0.18
C GLY A 56 2.63 14.67 0.24
N ALA A 57 1.62 13.83 0.06
CA ALA A 57 0.25 14.26 0.35
C ALA A 57 -0.16 13.94 1.79
N HIS A 58 -1.11 14.69 2.36
CA HIS A 58 -1.75 14.33 3.63
C HIS A 58 -3.28 14.39 3.54
N ASN A 59 -3.80 15.61 3.42
CA ASN A 59 -5.20 15.86 3.21
C ASN A 59 -5.53 15.99 1.73
N LEU A 60 -6.12 14.97 1.13
CA LEU A 60 -6.42 14.96 -0.32
C LEU A 60 -7.45 15.97 -0.81
N SER A 61 -8.25 16.51 0.09
CA SER A 61 -9.27 17.50 -0.31
C SER A 61 -8.68 18.91 -0.36
N ARG A 62 -7.42 19.06 0.09
CA ARG A 62 -6.75 20.36 0.21
C ARG A 62 -5.68 20.49 -0.86
N ARG A 63 -5.34 21.72 -1.20
CA ARG A 63 -4.15 22.03 -2.00
C ARG A 63 -2.96 22.00 -1.02
N GLU A 64 -1.91 21.27 -1.37
CA GLU A 64 -0.77 21.05 -0.47
C GLU A 64 0.48 21.31 -1.28
N PRO A 65 1.21 22.39 -0.93
CA PRO A 65 2.49 22.67 -1.56
C PRO A 65 3.50 21.55 -1.43
N THR A 66 3.32 20.63 -0.46
CA THR A 66 4.28 19.59 -0.18
C THR A 66 4.25 18.44 -1.20
N ARG A 67 3.23 18.47 -2.07
CA ARG A 67 2.96 17.41 -3.04
C ARG A 67 3.90 17.46 -4.23
N GLN A 68 4.21 16.29 -4.75
CA GLN A 68 5.01 16.20 -5.95
C GLN A 68 4.25 15.21 -6.81
N VAL A 69 3.95 15.60 -8.04
CA VAL A 69 3.10 14.75 -8.93
C VAL A 69 3.93 14.20 -10.09
N PHE A 70 3.84 12.88 -10.28
CA PHE A 70 4.55 12.13 -11.36
C PHE A 70 3.58 11.35 -12.24
N ALA A 71 4.01 11.13 -13.49
CA ALA A 71 3.30 10.21 -14.40
C ALA A 71 3.96 8.81 -14.35
N VAL A 72 3.30 7.81 -14.95
CA VAL A 72 3.91 6.48 -14.98
C VAL A 72 4.51 6.25 -16.37
N GLN A 73 5.73 5.81 -16.39
CA GLN A 73 6.42 5.52 -17.64
C GLN A 73 6.33 4.05 -18.05
N ARG A 74 6.13 3.15 -17.10
CA ARG A 74 6.31 1.73 -17.34
C ARG A 74 5.93 0.96 -16.07
N ILE A 75 5.44 -0.25 -16.23
CA ILE A 75 5.08 -1.05 -15.06
C ILE A 75 5.80 -2.41 -15.17
N PHE A 76 5.89 -3.10 -14.05
CA PHE A 76 6.60 -4.38 -13.98
C PHE A 76 5.82 -5.23 -13.01
N GLU A 77 5.54 -6.44 -13.42
CA GLU A 77 4.78 -7.40 -12.64
C GLU A 77 5.40 -8.77 -12.83
N ASN A 78 5.28 -9.66 -11.70
CA ASN A 78 5.89 -10.97 -11.63
C ASN A 78 4.82 -12.00 -11.29
N GLY A 79 4.13 -12.50 -12.30
CA GLY A 79 3.19 -13.61 -12.15
C GLY A 79 1.83 -13.28 -11.53
N TYR A 80 1.46 -12.01 -11.53
CA TYR A 80 0.15 -11.57 -11.14
C TYR A 80 -0.96 -12.50 -11.65
N ASP A 81 -1.77 -13.00 -10.72
CA ASP A 81 -2.80 -14.01 -11.01
C ASP A 81 -4.07 -13.59 -10.26
N PRO A 82 -4.92 -12.80 -10.92
CA PRO A 82 -6.14 -12.32 -10.24
C PRO A 82 -7.10 -13.43 -9.85
N VAL A 83 -7.03 -14.55 -10.58
CA VAL A 83 -7.99 -15.66 -10.43
C VAL A 83 -7.73 -16.38 -9.09
N ASN A 84 -6.47 -16.49 -8.71
CA ASN A 84 -6.12 -17.04 -7.38
C ASN A 84 -5.67 -16.00 -6.35
N LEU A 85 -5.85 -14.72 -6.67
CA LEU A 85 -5.45 -13.61 -5.79
C LEU A 85 -3.96 -13.70 -5.40
N LEU A 86 -3.12 -14.04 -6.37
CA LEU A 86 -1.68 -14.24 -6.06
C LEU A 86 -0.79 -13.21 -6.74
N ASN A 87 0.39 -12.95 -6.17
CA ASN A 87 1.38 -12.09 -6.80
C ASN A 87 0.79 -10.67 -7.13
N ASP A 88 0.08 -10.10 -6.15
CA ASP A 88 -0.69 -8.87 -6.39
C ASP A 88 0.23 -7.71 -6.11
N ILE A 89 1.21 -7.53 -7.01
CA ILE A 89 2.31 -6.60 -6.85
C ILE A 89 2.72 -6.00 -8.22
N VAL A 90 2.84 -4.68 -8.26
CA VAL A 90 3.31 -3.94 -9.45
C VAL A 90 4.26 -2.82 -9.08
N ILE A 91 5.27 -2.60 -9.92
CA ILE A 91 6.22 -1.50 -9.72
C ILE A 91 5.96 -0.56 -10.87
N LEU A 92 5.72 0.70 -10.54
CA LEU A 92 5.51 1.70 -11.53
C LEU A 92 6.78 2.57 -11.60
N GLN A 93 7.40 2.64 -12.77
CA GLN A 93 8.51 3.56 -12.95
C GLN A 93 7.99 4.93 -13.27
N LEU A 94 8.47 5.95 -12.58
CA LEU A 94 7.94 7.34 -12.75
C LEU A 94 8.66 8.00 -13.89
N ASN A 95 8.14 9.15 -14.37
CA ASN A 95 8.72 9.89 -15.52
C ASN A 95 9.81 10.86 -15.00
N GLY A 96 10.21 10.70 -13.73
CA GLY A 96 11.24 11.52 -13.10
C GLY A 96 11.50 10.98 -11.69
N SER A 97 12.44 11.62 -10.99
CA SER A 97 12.75 11.29 -9.62
C SER A 97 12.20 12.35 -8.67
N ALA A 98 11.65 11.87 -7.55
CA ALA A 98 11.10 12.67 -6.47
C ALA A 98 12.21 13.56 -5.91
N THR A 99 11.89 14.74 -5.38
CA THR A 99 12.83 15.48 -4.55
C THR A 99 12.68 14.94 -3.15
N ILE A 100 13.77 14.41 -2.59
CA ILE A 100 13.74 13.71 -1.31
C ILE A 100 13.80 14.76 -0.19
N ASN A 101 12.77 14.82 0.66
CA ASN A 101 12.72 15.84 1.74
C ASN A 101 11.91 15.27 2.91
N ALA A 102 11.51 16.12 3.85
CA ALA A 102 10.75 15.71 5.06
C ALA A 102 9.44 15.06 4.71
N ASN A 103 8.90 15.44 3.56
CA ASN A 103 7.56 15.02 3.14
C ASN A 103 7.55 13.83 2.19
N VAL A 104 8.73 13.47 1.66
CA VAL A 104 8.86 12.50 0.58
C VAL A 104 10.14 11.72 0.78
N GLN A 105 9.97 10.46 1.20
CA GLN A 105 11.12 9.56 1.58
C GLN A 105 10.88 8.20 1.00
N VAL A 106 11.97 7.48 0.61
CA VAL A 106 11.94 6.11 0.14
C VAL A 106 11.72 5.18 1.35
N ALA A 107 10.78 4.25 1.24
CA ALA A 107 10.54 3.22 2.22
C ALA A 107 11.71 2.17 2.29
N GLN A 108 11.79 1.49 3.43
CA GLN A 108 12.72 0.38 3.68
C GLN A 108 11.97 -0.93 3.61
N LEU A 109 12.55 -1.90 2.89
CA LEU A 109 11.96 -3.22 2.63
C LEU A 109 12.66 -4.30 3.50
N PRO A 110 11.99 -5.42 3.78
CA PRO A 110 12.68 -6.48 4.49
C PRO A 110 13.72 -7.17 3.60
N ALA A 111 14.59 -7.95 4.22
CA ALA A 111 15.45 -8.86 3.46
C ALA A 111 14.53 -9.93 2.78
N GLN A 112 14.95 -10.39 1.60
CA GLN A 112 14.29 -11.51 0.88
C GLN A 112 14.04 -12.66 1.85
N GLY A 113 12.85 -13.25 1.79
CA GLY A 113 12.51 -14.43 2.57
C GLY A 113 12.13 -14.20 4.03
N ARG A 114 12.29 -12.99 4.58
CA ARG A 114 11.96 -12.73 6.01
C ARG A 114 10.45 -12.92 6.28
N ARG A 115 10.14 -13.80 7.24
CA ARG A 115 8.76 -14.21 7.61
C ARG A 115 8.41 -13.52 8.91
N LEU A 116 7.17 -13.02 8.99
CA LEU A 116 6.60 -12.49 10.25
C LEU A 116 5.79 -13.56 10.95
N GLY A 117 6.12 -13.81 12.21
CA GLY A 117 5.33 -14.73 13.01
C GLY A 117 3.99 -14.15 13.47
N ASN A 118 3.11 -15.07 13.84
CA ASN A 118 1.87 -14.78 14.47
C ASN A 118 2.08 -13.80 15.64
N GLY A 119 1.28 -12.73 15.68
CA GLY A 119 1.32 -11.79 16.86
C GLY A 119 2.17 -10.54 16.69
N VAL A 120 2.93 -10.45 15.59
CA VAL A 120 3.73 -9.24 15.32
C VAL A 120 2.79 -8.05 15.14
N GLN A 121 3.11 -6.93 15.79
CA GLN A 121 2.32 -5.72 15.71
C GLN A 121 2.78 -4.80 14.56
N CYS A 122 1.83 -4.49 13.67
CA CYS A 122 2.08 -3.67 12.48
C CYS A 122 1.15 -2.46 12.40
N LEU A 123 1.41 -1.60 11.43
CA LEU A 123 0.50 -0.49 11.13
C LEU A 123 0.09 -0.56 9.65
N ALA A 124 -1.23 -0.57 9.42
CA ALA A 124 -1.76 -0.42 8.09
C ALA A 124 -2.19 1.04 7.96
N MET A 125 -2.34 1.50 6.69
CA MET A 125 -2.64 2.92 6.37
C MET A 125 -3.25 3.05 4.99
N GLY A 126 -3.91 4.18 4.73
CA GLY A 126 -4.35 4.41 3.36
C GLY A 126 -5.40 5.49 3.36
N TRP A 127 -5.83 5.87 2.14
CA TRP A 127 -6.90 6.83 2.01
C TRP A 127 -8.24 6.16 1.56
N GLY A 128 -8.38 4.86 1.77
CA GLY A 128 -9.60 4.14 1.40
C GLY A 128 -10.81 4.51 2.25
N LEU A 129 -11.94 3.88 1.98
CA LEU A 129 -13.18 4.19 2.67
C LEU A 129 -13.10 4.00 4.20
N LEU A 130 -13.79 4.90 4.91
CA LEU A 130 -13.95 4.90 6.36
C LEU A 130 -15.04 3.93 6.86
N GLY A 131 -15.86 3.42 5.94
CA GLY A 131 -16.71 2.27 6.26
C GLY A 131 -17.56 1.81 5.10
N GLY A 135 -18.01 6.27 2.62
CA GLY A 135 -17.44 7.61 2.74
C GLY A 135 -15.92 7.65 2.58
N ILE A 136 -15.43 8.30 1.54
CA ILE A 136 -13.98 8.28 1.31
C ILE A 136 -13.22 9.23 2.27
N ALA A 137 -11.97 8.89 2.54
CA ALA A 137 -11.12 9.63 3.45
C ALA A 137 -10.39 10.69 2.67
N SER A 138 -10.45 11.91 3.18
CA SER A 138 -9.61 13.01 2.70
C SER A 138 -8.23 12.96 3.40
N VAL A 139 -8.24 12.73 4.71
CA VAL A 139 -7.02 12.60 5.51
C VAL A 139 -6.50 11.16 5.65
N LEU A 140 -5.18 11.01 5.47
CA LEU A 140 -4.53 9.73 5.52
C LEU A 140 -4.84 9.04 6.86
N GLN A 141 -5.29 7.79 6.84
CA GLN A 141 -5.62 7.05 8.04
C GLN A 141 -4.53 6.00 8.29
N GLU A 142 -4.34 5.61 9.54
CA GLU A 142 -3.43 4.51 9.89
C GLU A 142 -4.21 3.68 10.92
N LEU A 143 -3.79 2.44 11.14
CA LEU A 143 -4.51 1.48 11.98
C LEU A 143 -3.55 0.43 12.50
N ASN A 144 -3.55 0.22 13.81
CA ASN A 144 -2.82 -0.92 14.46
C ASN A 144 -3.49 -2.26 14.13
N VAL A 145 -2.70 -3.15 13.51
CA VAL A 145 -3.12 -4.47 13.16
C VAL A 145 -2.13 -5.52 13.68
N THR A 146 -2.57 -6.79 13.75
CA THR A 146 -1.73 -7.90 14.27
C THR A 146 -1.55 -8.94 13.19
N VAL A 147 -0.31 -9.39 12.94
CA VAL A 147 -0.07 -10.46 11.95
C VAL A 147 -0.69 -11.73 12.46
N VAL A 148 -1.46 -12.41 11.60
CA VAL A 148 -2.02 -13.73 11.93
C VAL A 148 -1.67 -14.77 10.85
N THR A 149 -1.54 -16.03 11.25
CA THR A 149 -1.27 -17.08 10.28
C THR A 149 -2.54 -17.93 10.09
N SER A 150 -3.50 -17.76 10.98
CA SER A 150 -4.75 -18.43 10.91
C SER A 150 -5.70 -17.79 9.86
N LEU A 151 -6.30 -18.62 9.00
CA LEU A 151 -7.27 -18.15 7.97
C LEU A 151 -6.62 -17.33 6.84
N CYS A 152 -5.08 -17.52 6.67
CA CYS A 152 -4.15 -16.83 5.78
C CYS A 152 -3.47 -17.93 5.02
N ARG A 153 -3.27 -17.70 3.51
CA ARG A 153 -2.48 -18.78 3.00
C ARG A 153 -0.99 -18.40 3.07
N ARG A 154 -0.13 -19.35 2.66
CA ARG A 154 1.32 -19.14 2.62
C ARG A 154 1.72 -17.96 1.73
N SER A 155 0.89 -17.69 0.75
CA SER A 155 1.21 -16.72 -0.27
C SER A 155 0.67 -15.28 0.09
N ASN A 156 0.31 -15.06 1.36
CA ASN A 156 -0.08 -13.73 1.85
C ASN A 156 0.51 -13.46 3.20
N VAL A 157 0.67 -12.17 3.50
CA VAL A 157 0.81 -11.75 4.90
C VAL A 157 -0.60 -11.30 5.24
N CYS A 158 -1.12 -11.73 6.38
CA CYS A 158 -2.49 -11.40 6.77
C CYS A 158 -2.44 -10.76 8.14
N THR A 159 -3.38 -9.87 8.43
CA THR A 159 -3.45 -9.19 9.72
C THR A 159 -4.90 -9.10 10.22
N LEU A 160 -5.08 -9.01 11.53
CA LEU A 160 -6.43 -8.84 12.07
C LEU A 160 -6.40 -7.84 13.19
N VAL A 161 -7.42 -6.96 13.26
CA VAL A 161 -7.56 -6.11 14.46
C VAL A 161 -8.28 -6.98 15.51
N ARG A 162 -7.64 -7.18 16.65
CA ARG A 162 -8.16 -8.13 17.62
C ARG A 162 -9.28 -7.40 18.38
N GLY A 163 -10.41 -8.06 18.60
CA GLY A 163 -11.41 -7.54 19.57
C GLY A 163 -12.48 -6.58 19.05
N ARG A 164 -12.34 -6.07 17.82
CA ARG A 164 -13.36 -5.20 17.21
C ARG A 164 -13.32 -5.29 15.67
N GLN A 165 -14.35 -4.76 15.03
CA GLN A 165 -14.39 -4.65 13.61
C GLN A 165 -13.62 -3.42 13.12
N ALA A 166 -12.46 -3.68 12.49
CA ALA A 166 -11.61 -2.63 11.89
C ALA A 166 -10.65 -3.27 10.87
N GLY A 167 -10.33 -2.54 9.80
CA GLY A 167 -9.32 -3.00 8.78
C GLY A 167 -9.31 -2.12 7.53
N VAL A 168 -8.66 -2.60 6.46
CA VAL A 168 -8.49 -1.87 5.24
C VAL A 168 -9.77 -1.99 4.39
N CYS A 169 -9.97 -1.06 3.47
CA CYS A 169 -11.19 -1.06 2.71
C CYS A 169 -10.91 -0.62 1.27
N PHE A 170 -11.96 -0.40 0.45
CA PHE A 170 -11.80 0.00 -0.95
C PHE A 170 -11.02 1.30 -0.98
N GLY A 171 -10.04 1.40 -1.87
CA GLY A 171 -9.17 2.56 -1.94
C GLY A 171 -7.87 2.36 -1.17
N ASP A 172 -7.86 1.39 -0.22
CA ASP A 172 -6.64 1.08 0.51
C ASP A 172 -5.74 0.10 -0.27
N SER A 173 -6.26 -0.55 -1.32
CA SER A 173 -5.50 -1.50 -2.13
C SER A 173 -4.17 -0.84 -2.58
N GLY A 174 -3.08 -1.61 -2.57
CA GLY A 174 -1.79 -1.06 -2.93
C GLY A 174 -1.07 -0.38 -1.76
N SER A 175 -1.77 -0.10 -0.65
CA SER A 175 -1.15 0.62 0.43
C SER A 175 -0.18 -0.34 1.17
N PRO A 176 0.88 0.22 1.78
CA PRO A 176 1.85 -0.60 2.57
C PRO A 176 1.36 -1.05 3.93
N LEU A 177 1.86 -2.23 4.33
CA LEU A 177 1.79 -2.67 5.71
C LEU A 177 3.20 -2.48 6.31
N VAL A 178 3.30 -1.63 7.35
CA VAL A 178 4.59 -1.37 8.00
C VAL A 178 4.73 -2.21 9.30
N CYS A 179 5.77 -3.05 9.36
CA CYS A 179 6.02 -3.85 10.55
C CYS A 179 7.49 -3.69 10.87
N ASN A 180 7.74 -3.28 12.11
CA ASN A 180 9.10 -2.99 12.65
C ASN A 180 9.69 -2.01 11.67
N GLY A 181 9.09 -0.61 11.06
CA GLY A 181 9.90 0.23 10.16
C GLY A 181 10.03 -0.37 8.77
N LEU A 182 9.46 -1.55 8.51
CA LEU A 182 9.71 -2.23 7.21
C LEU A 182 8.40 -2.56 6.45
N ILE A 183 8.43 -2.43 5.11
CA ILE A 183 7.20 -2.65 4.31
C ILE A 183 7.04 -4.14 4.04
N HIS A 184 6.14 -4.80 4.78
CA HIS A 184 6.03 -6.23 4.72
C HIS A 184 4.86 -6.66 3.86
N GLY A 185 3.97 -5.74 3.54
CA GLY A 185 2.82 -6.10 2.76
C GLY A 185 2.34 -4.94 1.91
N ILE A 186 1.59 -5.30 0.89
CA ILE A 186 0.87 -4.35 0.04
C ILE A 186 -0.61 -4.81 0.07
N ALA A 187 -1.50 -3.91 0.43
CA ALA A 187 -2.88 -4.32 0.65
C ALA A 187 -3.51 -4.95 -0.61
N SER A 188 -4.01 -6.18 -0.48
CA SER A 188 -4.48 -6.96 -1.63
C SER A 188 -5.95 -7.27 -1.63
N PHE A 189 -6.48 -7.90 -0.59
CA PHE A 189 -7.92 -8.27 -0.56
C PHE A 189 -8.50 -8.49 0.82
N VAL A 190 -9.81 -8.27 0.95
CA VAL A 190 -10.55 -8.52 2.18
C VAL A 190 -11.55 -9.68 1.96
N ARG A 191 -12.11 -10.26 3.02
CA ARG A 191 -13.17 -11.30 2.85
C ARG A 191 -14.29 -11.00 3.79
N GLY A 192 -15.54 -11.28 3.36
CA GLY A 192 -16.70 -10.97 4.17
C GLY A 192 -17.01 -9.50 4.29
N GLY A 193 -16.67 -8.72 3.26
CA GLY A 193 -16.66 -7.23 3.31
C GLY A 193 -15.49 -6.64 4.13
N CYS A 194 -15.29 -5.33 4.11
CA CYS A 194 -14.30 -4.67 4.95
C CYS A 194 -14.68 -4.78 6.43
N ALA A 195 -13.68 -4.95 7.28
CA ALA A 195 -13.87 -4.90 8.72
C ALA A 195 -14.95 -5.88 9.19
N SER A 196 -14.88 -7.10 8.63
CA SER A 196 -15.78 -8.21 9.02
C SER A 196 -15.64 -8.57 10.48
N GLY A 197 -14.45 -8.35 11.07
CA GLY A 197 -14.29 -8.73 12.49
C GLY A 197 -13.82 -10.17 12.57
N LEU A 198 -13.73 -10.84 11.41
CA LEU A 198 -13.45 -12.28 11.41
C LEU A 198 -12.33 -12.68 10.45
N TYR A 199 -12.45 -12.32 9.15
CA TYR A 199 -11.43 -12.69 8.16
C TYR A 199 -10.27 -11.71 8.18
N PRO A 200 -9.05 -12.24 8.35
CA PRO A 200 -7.84 -11.39 8.27
C PRO A 200 -7.79 -10.70 6.92
N ASP A 201 -7.28 -9.47 6.92
CA ASP A 201 -6.99 -8.76 5.67
C ASP A 201 -5.75 -9.43 5.08
N ALA A 202 -5.65 -9.40 3.75
CA ALA A 202 -4.61 -10.13 3.09
C ALA A 202 -3.73 -9.13 2.35
N PHE A 203 -2.43 -9.27 2.47
CA PHE A 203 -1.43 -8.40 1.85
C PHE A 203 -0.50 -9.21 0.93
N ALA A 204 -0.04 -8.59 -0.15
CA ALA A 204 0.96 -9.20 -1.00
C ALA A 204 2.20 -9.31 -0.11
N PRO A 205 2.87 -10.47 -0.15
CA PRO A 205 3.99 -10.66 0.80
C PRO A 205 5.30 -10.09 0.24
N VAL A 206 5.60 -8.83 0.60
CA VAL A 206 6.72 -8.10 -0.06
C VAL A 206 8.06 -8.84 0.01
N ALA A 207 8.38 -9.40 1.17
CA ALA A 207 9.61 -10.19 1.41
C ALA A 207 9.88 -11.35 0.38
N GLN A 208 8.83 -11.95 -0.23
CA GLN A 208 9.07 -13.01 -1.24
C GLN A 208 9.53 -12.39 -2.55
N PHE A 209 9.34 -11.07 -2.71
CA PHE A 209 9.58 -10.37 -4.01
C PHE A 209 10.79 -9.44 -3.98
N VAL A 210 11.60 -9.50 -2.93
CA VAL A 210 12.61 -8.46 -2.74
C VAL A 210 13.74 -8.53 -3.79
N ASN A 211 14.18 -9.74 -4.13
CA ASN A 211 15.23 -9.85 -5.15
C ASN A 211 14.73 -9.34 -6.49
N TRP A 212 13.50 -9.67 -6.82
CA TRP A 212 12.85 -9.16 -8.05
C TRP A 212 12.70 -7.60 -7.99
N ILE A 213 12.18 -7.07 -6.89
CA ILE A 213 12.13 -5.59 -6.74
C ILE A 213 13.53 -4.96 -6.92
N ASP A 214 14.55 -5.54 -6.25
CA ASP A 214 15.92 -4.94 -6.27
C ASP A 214 16.47 -4.88 -7.65
N SER A 215 16.26 -5.93 -8.44
CA SER A 215 16.79 -5.89 -9.80
C SER A 215 16.05 -4.87 -10.68
N ILE A 216 14.76 -4.66 -10.46
CA ILE A 216 14.09 -3.56 -11.17
C ILE A 216 14.59 -2.13 -10.79
N ILE A 217 14.75 -1.84 -9.50
CA ILE A 217 15.08 -0.51 -9.02
C ILE A 217 16.59 -0.22 -9.11
N GLN A 218 17.40 -1.31 -9.21
CA GLN A 218 18.88 -1.33 -9.49
C GLN A 218 19.76 -1.63 -8.26
#